data_1BZX
#
_entry.id   1BZX
#
_cell.length_a   84.120
_cell.length_b   84.120
_cell.length_c   222.150
_cell.angle_alpha   90.00
_cell.angle_beta   90.00
_cell.angle_gamma   120.00
#
_symmetry.space_group_name_H-M   'P 61 2 2'
#
loop_
_entity.id
_entity.type
_entity.pdbx_description
1 polymer 'PROTEIN (TRYPSIN)'
2 polymer 'PROTEIN (BOVINE PANCREATIC TRYPSIN INHIBITOR)'
3 non-polymer 'CALCIUM ION'
4 water water
#
loop_
_entity_poly.entity_id
_entity_poly.type
_entity_poly.pdbx_seq_one_letter_code
_entity_poly.pdbx_strand_id
1 'polypeptide(L)'
;IVGGYECKPYSQPHQVSLNSGYHFCGGSLVNENWVVSAAHCYKSRVEVRLGEHNIKVTEGSEQFISSSRVIRHPNYSSYN
IDNDIMLIKLSKPATLNTYVQPVALPTSCAPAGTMCTVSGWGNTMSSTADSNKLQCLNIPILSYSDCNNSYPGMITNAMF
CAGYLEGGKDSCQGDSGGPVVCNGELQGVVSWGYGCAEPGNPGVYAKVCIFNDWLTSTMASY
;
E
2 'polypeptide(L)' RPDFCLEPPYTGPCKARIIRYFYNAKAGLCQTFVYGGCRAKRNNFKSAEDCMRTCGGA I
#
loop_
_chem_comp.id
_chem_comp.type
_chem_comp.name
_chem_comp.formula
CA non-polymer 'CALCIUM ION' 'Ca 2'
#
# COMPACT_ATOMS: atom_id res chain seq x y z
N ILE A 1 3.55 -8.06 -4.79
CA ILE A 1 4.55 -7.68 -5.84
C ILE A 1 4.50 -8.76 -6.93
N VAL A 2 4.17 -8.35 -8.16
CA VAL A 2 4.09 -9.26 -9.30
C VAL A 2 5.35 -9.15 -10.16
N GLY A 3 5.89 -10.30 -10.54
CA GLY A 3 7.09 -10.32 -11.38
C GLY A 3 8.40 -9.90 -10.73
N GLY A 4 8.44 -9.82 -9.40
CA GLY A 4 9.64 -9.43 -8.68
C GLY A 4 10.42 -10.64 -8.20
N TYR A 5 11.20 -10.47 -7.15
CA TYR A 5 12.00 -11.57 -6.62
C TYR A 5 12.05 -11.45 -5.10
N GLU A 6 12.29 -12.54 -4.40
CA GLU A 6 12.38 -12.44 -2.95
C GLU A 6 13.59 -11.60 -2.52
N CYS A 7 13.35 -10.61 -1.67
CA CYS A 7 14.44 -9.77 -1.20
C CYS A 7 15.38 -10.58 -0.31
N LYS A 8 16.64 -10.15 -0.25
CA LYS A 8 17.63 -10.78 0.61
C LYS A 8 17.12 -10.33 1.97
N PRO A 9 16.91 -11.28 2.89
CA PRO A 9 16.42 -10.92 4.22
C PRO A 9 17.05 -9.68 4.77
N TYR A 10 16.20 -8.79 5.25
CA TYR A 10 16.63 -7.55 5.87
C TYR A 10 17.30 -6.54 4.98
N SER A 11 17.26 -6.76 3.67
CA SER A 11 17.86 -5.80 2.73
C SER A 11 17.05 -4.49 2.61
N GLN A 12 15.80 -4.50 3.09
CA GLN A 12 14.92 -3.32 3.05
C GLN A 12 14.50 -3.09 4.50
N PRO A 13 15.46 -2.74 5.37
CA PRO A 13 15.29 -2.48 6.79
C PRO A 13 14.23 -1.49 7.18
N HIS A 14 13.85 -0.61 6.25
CA HIS A 14 12.83 0.39 6.53
C HIS A 14 11.43 -0.16 6.33
N GLN A 15 11.35 -1.28 5.63
CA GLN A 15 10.07 -1.90 5.32
C GLN A 15 9.28 -2.38 6.55
N VAL A 16 8.05 -1.88 6.72
CA VAL A 16 7.21 -2.31 7.83
C VAL A 16 5.93 -2.92 7.32
N SER A 17 5.23 -3.63 8.21
CA SER A 17 3.95 -4.29 7.90
C SER A 17 2.90 -3.71 8.83
N LEU A 18 1.81 -3.20 8.28
CA LEU A 18 0.74 -2.65 9.08
C LEU A 18 -0.20 -3.83 9.35
N ASN A 19 -0.39 -4.12 10.64
CA ASN A 19 -1.23 -5.22 11.05
C ASN A 19 -2.42 -4.79 11.90
N SER A 20 -3.56 -5.42 11.65
CA SER A 20 -4.74 -5.12 12.40
C SER A 20 -5.58 -6.40 12.42
N GLY A 21 -4.91 -7.52 12.68
CA GLY A 21 -5.60 -8.81 12.69
C GLY A 21 -4.90 -9.64 11.65
N TYR A 22 -4.28 -8.95 10.69
CA TYR A 22 -3.54 -9.55 9.57
C TYR A 22 -2.87 -8.40 8.84
N HIS A 23 -1.94 -8.74 7.95
CA HIS A 23 -1.22 -7.76 7.15
C HIS A 23 -2.17 -7.15 6.13
N PHE A 24 -2.32 -5.82 6.16
CA PHE A 24 -3.23 -5.16 5.22
C PHE A 24 -2.54 -4.08 4.40
N CYS A 25 -1.42 -3.55 4.88
CA CYS A 25 -0.68 -2.53 4.15
C CYS A 25 0.77 -2.56 4.54
N GLY A 26 1.58 -1.83 3.79
CA GLY A 26 2.99 -1.73 4.08
C GLY A 26 3.26 -0.31 4.59
N GLY A 27 4.53 0.01 4.86
CA GLY A 27 4.86 1.33 5.35
C GLY A 27 6.36 1.46 5.36
N SER A 28 6.86 2.67 5.59
CA SER A 28 8.30 2.91 5.64
C SER A 28 8.71 3.66 6.92
N LEU A 29 9.70 3.10 7.64
CA LEU A 29 10.22 3.71 8.86
C LEU A 29 11.14 4.83 8.41
N VAL A 30 10.76 6.07 8.70
CA VAL A 30 11.59 7.20 8.32
C VAL A 30 12.50 7.65 9.47
N ASN A 31 12.15 7.24 10.68
CA ASN A 31 12.92 7.54 11.88
C ASN A 31 12.38 6.69 13.02
N GLU A 32 13.17 6.53 14.08
CA GLU A 32 12.80 5.72 15.24
C GLU A 32 11.37 5.92 15.74
N ASN A 33 10.73 7.04 15.42
CA ASN A 33 9.38 7.29 15.90
C ASN A 33 8.28 7.45 14.87
N TRP A 34 8.63 7.48 13.60
CA TRP A 34 7.62 7.67 12.56
C TRP A 34 7.69 6.74 11.37
N VAL A 35 6.51 6.44 10.85
CA VAL A 35 6.36 5.58 9.69
C VAL A 35 5.48 6.32 8.66
N VAL A 36 5.87 6.23 7.39
CA VAL A 36 5.10 6.81 6.30
C VAL A 36 4.35 5.68 5.56
N SER A 37 3.07 5.90 5.28
CA SER A 37 2.26 4.93 4.55
C SER A 37 1.32 5.70 3.65
N ALA A 38 0.30 5.02 3.12
CA ALA A 38 -0.71 5.64 2.25
C ALA A 38 -1.93 6.03 3.08
N ALA A 39 -2.59 7.13 2.73
CA ALA A 39 -3.78 7.59 3.45
C ALA A 39 -4.94 6.62 3.38
N HIS A 40 -5.00 5.82 2.31
CA HIS A 40 -6.09 4.84 2.16
C HIS A 40 -5.88 3.60 3.06
N CYS A 41 -4.76 3.55 3.77
CA CYS A 41 -4.45 2.46 4.70
C CYS A 41 -4.76 2.91 6.11
N TYR A 42 -5.44 4.04 6.22
CA TYR A 42 -5.76 4.58 7.53
C TYR A 42 -6.63 3.71 8.42
N LYS A 43 -6.29 3.76 9.70
CA LYS A 43 -7.01 3.08 10.79
C LYS A 43 -6.60 3.90 12.01
N SER A 44 -7.56 4.18 12.89
CA SER A 44 -7.27 4.95 14.12
C SER A 44 -6.15 4.38 15.01
N ARG A 45 -6.02 3.06 15.01
CA ARG A 45 -4.98 2.39 15.79
C ARG A 45 -4.51 1.21 14.93
N VAL A 46 -3.19 1.08 14.78
CA VAL A 46 -2.63 -0.03 14.00
C VAL A 46 -1.36 -0.53 14.70
N GLU A 47 -0.97 -1.78 14.44
CA GLU A 47 0.25 -2.29 15.02
C GLU A 47 1.25 -2.34 13.88
N VAL A 48 2.44 -1.78 14.11
CA VAL A 48 3.51 -1.74 13.11
C VAL A 48 4.48 -2.87 13.41
N ARG A 49 4.84 -3.67 12.41
CA ARG A 49 5.75 -4.77 12.62
C ARG A 49 7.02 -4.53 11.83
N LEU A 50 8.12 -4.39 12.56
CA LEU A 50 9.42 -4.13 11.97
C LEU A 50 10.32 -5.35 12.05
N GLY A 51 11.42 -5.33 11.32
CA GLY A 51 12.35 -6.43 11.34
C GLY A 51 11.80 -7.73 10.79
N GLU A 52 10.85 -7.62 9.87
CA GLU A 52 10.22 -8.79 9.27
C GLU A 52 10.81 -9.21 7.93
N HIS A 53 10.68 -10.50 7.65
CA HIS A 53 11.04 -11.01 6.36
C HIS A 53 9.84 -11.90 5.97
N ASN A 54 9.62 -12.98 6.72
CA ASN A 54 8.45 -13.82 6.46
C ASN A 54 7.43 -13.46 7.52
N ILE A 55 6.40 -12.71 7.14
CA ILE A 55 5.43 -12.29 8.14
C ILE A 55 4.67 -13.39 8.87
N LYS A 56 4.72 -14.61 8.36
CA LYS A 56 3.98 -15.70 9.00
C LYS A 56 4.83 -16.63 9.86
N VAL A 57 6.05 -16.23 10.11
CA VAL A 57 6.95 -17.03 10.87
C VAL A 57 7.78 -16.14 11.80
N THR A 58 7.84 -16.50 13.09
CA THR A 58 8.61 -15.75 14.09
C THR A 58 10.12 -15.97 13.85
N GLU A 59 10.81 -14.88 13.55
CA GLU A 59 12.22 -14.93 13.23
C GLU A 59 13.20 -14.42 14.29
N GLY A 60 12.68 -13.78 15.33
CA GLY A 60 13.52 -13.25 16.38
C GLY A 60 13.94 -11.82 16.12
N SER A 61 13.93 -11.43 14.85
CA SER A 61 14.31 -10.09 14.43
C SER A 61 13.24 -8.99 14.56
N GLU A 62 11.99 -9.39 14.75
CA GLU A 62 10.90 -8.42 14.77
C GLU A 62 10.52 -7.60 15.99
N GLN A 63 9.84 -6.48 15.74
CA GLN A 63 9.39 -5.58 16.78
C GLN A 63 7.95 -5.16 16.49
N PHE A 64 7.02 -5.48 17.38
CA PHE A 64 5.62 -5.10 17.17
C PHE A 64 5.33 -3.87 18.03
N ILE A 65 5.23 -2.71 17.39
CA ILE A 65 4.98 -1.48 18.12
C ILE A 65 3.63 -0.93 17.72
N SER A 66 2.83 -0.56 18.70
CA SER A 66 1.53 -0.02 18.41
C SER A 66 1.72 1.45 18.05
N SER A 67 0.75 2.00 17.35
CA SER A 67 0.81 3.40 16.96
C SER A 67 0.19 4.18 18.10
N SER A 68 0.56 5.44 18.20
CA SER A 68 -0.04 6.30 19.21
C SER A 68 -0.82 7.38 18.46
N ARG A 69 -0.38 7.65 17.24
CA ARG A 69 -1.00 8.65 16.38
C ARG A 69 -0.97 8.19 14.93
N VAL A 70 -2.02 8.51 14.19
CA VAL A 70 -2.10 8.18 12.77
C VAL A 70 -2.67 9.44 12.10
N ILE A 71 -1.80 10.18 11.41
CA ILE A 71 -2.20 11.42 10.75
C ILE A 71 -2.22 11.32 9.22
N ARG A 72 -3.41 11.49 8.64
CA ARG A 72 -3.57 11.46 7.18
C ARG A 72 -3.24 12.83 6.63
N HIS A 73 -2.76 12.89 5.40
CA HIS A 73 -2.49 14.19 4.83
C HIS A 73 -3.83 14.91 4.85
N PRO A 74 -3.85 16.19 5.25
CA PRO A 74 -5.08 16.96 5.32
C PRO A 74 -5.85 17.12 4.01
N ASN A 75 -5.14 17.11 2.89
CA ASN A 75 -5.83 17.28 1.62
C ASN A 75 -6.11 16.00 0.86
N TYR A 76 -6.00 14.86 1.53
CA TYR A 76 -6.26 13.57 0.90
C TYR A 76 -7.70 13.54 0.40
N SER A 77 -7.89 12.91 -0.76
CA SER A 77 -9.19 12.75 -1.39
C SER A 77 -9.27 11.29 -1.84
N SER A 78 -10.18 10.54 -1.23
CA SER A 78 -10.32 9.12 -1.55
C SER A 78 -10.80 8.80 -2.95
N TYR A 79 -11.72 9.61 -3.49
CA TYR A 79 -12.22 9.38 -4.86
C TYR A 79 -11.13 9.62 -5.90
N ASN A 80 -10.33 10.67 -5.73
CA ASN A 80 -9.27 10.96 -6.67
C ASN A 80 -8.02 10.24 -6.31
N ILE A 81 -7.99 9.67 -5.10
CA ILE A 81 -6.82 8.96 -4.58
C ILE A 81 -5.68 9.98 -4.63
N ASP A 82 -6.03 11.21 -4.26
CA ASP A 82 -5.11 12.32 -4.30
C ASP A 82 -4.52 12.65 -2.92
N ASN A 83 -3.22 12.89 -2.86
CA ASN A 83 -2.49 13.21 -1.61
C ASN A 83 -2.57 12.02 -0.69
N ASP A 84 -2.27 10.88 -1.28
CA ASP A 84 -2.35 9.59 -0.61
C ASP A 84 -1.16 9.32 0.28
N ILE A 85 -1.04 10.09 1.36
CA ILE A 85 0.09 9.87 2.26
C ILE A 85 -0.39 10.11 3.68
N MET A 86 0.26 9.43 4.62
CA MET A 86 -0.06 9.57 6.02
C MET A 86 1.12 9.16 6.88
N LEU A 87 1.15 9.70 8.09
CA LEU A 87 2.22 9.41 9.04
C LEU A 87 1.65 8.68 10.25
N ILE A 88 2.42 7.75 10.77
CA ILE A 88 2.03 6.98 11.96
C ILE A 88 3.13 7.18 13.03
N LYS A 89 2.72 7.65 14.21
CA LYS A 89 3.66 7.85 15.32
C LYS A 89 3.71 6.55 16.12
N LEU A 90 4.92 6.02 16.34
CA LEU A 90 5.11 4.78 17.11
C LEU A 90 4.97 5.09 18.60
N SER A 91 4.18 4.29 19.32
CA SER A 91 3.96 4.47 20.77
C SER A 91 5.28 4.43 21.56
N LYS A 92 6.18 3.58 21.10
CA LYS A 92 7.50 3.44 21.70
C LYS A 92 8.44 3.44 20.50
N PRO A 93 9.52 4.21 20.56
CA PRO A 93 10.48 4.27 19.46
C PRO A 93 11.08 2.92 19.08
N ALA A 94 11.28 2.74 17.78
CA ALA A 94 11.86 1.53 17.24
C ALA A 94 13.32 1.43 17.62
N THR A 95 13.81 0.22 17.83
CA THR A 95 15.19 0.01 18.17
C THR A 95 15.91 -0.24 16.84
N LEU A 96 16.71 0.72 16.41
CA LEU A 96 17.43 0.58 15.15
C LEU A 96 18.54 -0.42 15.35
N ASN A 97 18.72 -1.30 14.39
CA ASN A 97 19.73 -2.35 14.47
C ASN A 97 19.99 -2.92 13.09
N THR A 98 20.57 -4.12 13.04
CA THR A 98 20.86 -4.77 11.75
C THR A 98 19.59 -5.02 10.90
N TYR A 99 18.44 -5.13 11.57
CA TYR A 99 17.16 -5.42 10.92
C TYR A 99 16.23 -4.24 10.80
N VAL A 100 16.35 -3.28 11.70
CA VAL A 100 15.46 -2.15 11.68
C VAL A 100 16.25 -0.87 11.52
N GLN A 101 16.18 -0.27 10.34
CA GLN A 101 16.90 0.96 10.06
C GLN A 101 16.02 1.80 9.15
N PRO A 102 15.93 3.11 9.42
CA PRO A 102 15.12 4.04 8.62
C PRO A 102 15.56 4.29 7.15
N VAL A 103 14.70 4.95 6.38
CA VAL A 103 14.99 5.28 4.99
C VAL A 103 14.99 6.80 4.92
N ALA A 104 15.89 7.36 4.11
CA ALA A 104 15.98 8.81 4.00
C ALA A 104 14.88 9.43 3.15
N LEU A 105 14.40 10.59 3.57
CA LEU A 105 13.39 11.31 2.81
C LEU A 105 14.10 11.86 1.54
N PRO A 106 13.33 12.18 0.48
CA PRO A 106 13.98 12.69 -0.72
C PRO A 106 14.49 14.12 -0.58
N THR A 107 15.70 14.37 -1.07
CA THR A 107 16.23 15.74 -1.05
C THR A 107 15.63 16.44 -2.29
N SER A 108 15.60 15.71 -3.39
CA SER A 108 15.06 16.22 -4.65
C SER A 108 14.06 15.21 -5.21
N CYS A 109 13.28 15.63 -6.19
CA CYS A 109 12.32 14.74 -6.84
C CYS A 109 13.11 13.98 -7.90
N ALA A 110 12.93 12.67 -7.97
CA ALA A 110 13.63 11.88 -8.96
C ALA A 110 12.98 11.97 -10.36
N PRO A 111 13.83 12.04 -11.39
CA PRO A 111 13.49 12.16 -12.80
C PRO A 111 12.99 10.86 -13.43
N ALA A 112 12.23 11.02 -14.51
CA ALA A 112 11.73 9.87 -15.24
C ALA A 112 12.97 9.11 -15.71
N GLY A 113 12.92 7.79 -15.71
CA GLY A 113 14.07 7.04 -16.13
C GLY A 113 14.81 6.48 -14.93
N THR A 114 14.72 7.17 -13.78
CA THR A 114 15.37 6.72 -12.55
C THR A 114 14.93 5.30 -12.15
N MET A 115 15.88 4.40 -11.95
CA MET A 115 15.57 3.03 -11.56
C MET A 115 15.38 2.99 -10.06
N CYS A 116 14.30 2.33 -9.62
CA CYS A 116 13.99 2.22 -8.21
C CYS A 116 13.65 0.81 -7.82
N THR A 117 13.46 0.64 -6.52
CA THR A 117 13.07 -0.65 -5.95
C THR A 117 11.79 -0.44 -5.16
N VAL A 118 10.87 -1.39 -5.29
CA VAL A 118 9.62 -1.36 -4.56
C VAL A 118 9.57 -2.75 -3.93
N SER A 119 8.98 -2.84 -2.75
CA SER A 119 8.89 -4.12 -2.03
C SER A 119 7.61 -4.24 -1.22
N GLY A 120 7.20 -5.46 -0.90
CA GLY A 120 5.98 -5.63 -0.12
C GLY A 120 5.56 -7.07 -0.03
N TRP A 121 4.50 -7.31 0.74
CA TRP A 121 3.98 -8.66 0.92
C TRP A 121 2.62 -8.78 0.25
N GLY A 122 2.40 -8.00 -0.81
CA GLY A 122 1.13 -8.05 -1.51
C GLY A 122 1.03 -9.21 -2.47
N ASN A 123 -0.09 -9.29 -3.17
CA ASN A 123 -0.35 -10.34 -4.15
C ASN A 123 0.77 -10.43 -5.20
N THR A 124 1.25 -11.65 -5.47
CA THR A 124 2.34 -11.90 -6.42
C THR A 124 1.79 -12.46 -7.73
N MET A 125 0.51 -12.80 -7.72
CA MET A 125 -0.18 -13.40 -8.87
C MET A 125 0.57 -14.62 -9.42
N SER A 126 1.17 -15.39 -8.52
CA SER A 126 1.93 -16.58 -8.88
C SER A 126 1.91 -17.61 -7.78
N SER A 127 1.73 -18.87 -8.15
CA SER A 127 1.71 -19.95 -7.18
C SER A 127 3.10 -20.30 -6.64
N THR A 128 4.14 -19.78 -7.30
CA THR A 128 5.50 -20.05 -6.86
C THR A 128 6.05 -18.95 -5.95
N ALA A 129 5.75 -17.69 -6.28
CA ALA A 129 6.22 -16.57 -5.46
C ALA A 129 5.37 -16.49 -4.19
N ASP A 130 6.01 -16.67 -3.05
CA ASP A 130 5.32 -16.65 -1.76
C ASP A 130 5.25 -15.22 -1.24
N SER A 131 4.05 -14.66 -1.15
CA SER A 131 3.87 -13.29 -0.69
C SER A 131 4.20 -13.05 0.77
N ASN A 132 4.36 -14.13 1.55
CA ASN A 132 4.69 -14.01 2.97
C ASN A 132 6.13 -13.67 3.13
N LYS A 133 6.92 -13.97 2.12
CA LYS A 133 8.32 -13.64 2.12
C LYS A 133 8.46 -12.34 1.34
N LEU A 134 9.05 -11.32 1.96
CA LEU A 134 9.21 -10.03 1.31
C LEU A 134 9.71 -10.11 -0.13
N GLN A 135 8.96 -9.50 -1.05
CA GLN A 135 9.29 -9.46 -2.47
C GLN A 135 9.87 -8.10 -2.86
N CYS A 136 10.81 -8.13 -3.79
CA CYS A 136 11.49 -6.93 -4.27
C CYS A 136 11.29 -6.86 -5.78
N LEU A 137 11.31 -5.65 -6.32
CA LEU A 137 11.16 -5.44 -7.76
C LEU A 137 11.79 -4.12 -8.18
N ASN A 138 12.53 -4.14 -9.29
CA ASN A 138 13.17 -2.92 -9.78
C ASN A 138 12.30 -2.31 -10.85
N ILE A 139 11.87 -1.07 -10.64
CA ILE A 139 11.03 -0.41 -11.63
C ILE A 139 11.52 0.98 -11.90
N PRO A 140 11.45 1.42 -13.17
CA PRO A 140 11.88 2.75 -13.62
C PRO A 140 10.73 3.72 -13.50
N ILE A 141 11.05 4.96 -13.17
CA ILE A 141 10.02 5.98 -13.07
C ILE A 141 9.65 6.37 -14.51
N LEU A 142 8.35 6.43 -14.81
CA LEU A 142 7.89 6.78 -16.15
C LEU A 142 7.65 8.27 -16.30
N SER A 143 7.68 8.75 -17.54
CA SER A 143 7.44 10.16 -17.79
C SER A 143 5.99 10.49 -17.50
N TYR A 144 5.74 11.75 -17.14
CA TYR A 144 4.38 12.19 -16.86
C TYR A 144 3.48 12.03 -18.08
N SER A 145 4.10 12.11 -19.26
CA SER A 145 3.38 11.98 -20.51
C SER A 145 2.79 10.57 -20.60
N ASP A 146 3.63 9.56 -20.39
CA ASP A 146 3.16 8.19 -20.47
C ASP A 146 2.22 7.88 -19.34
N CYS A 147 2.46 8.51 -18.20
CA CYS A 147 1.60 8.31 -17.04
C CYS A 147 0.21 8.85 -17.33
N ASN A 148 0.13 10.12 -17.75
CA ASN A 148 -1.16 10.75 -18.07
C ASN A 148 -1.89 10.10 -19.23
N ASN A 149 -1.14 9.54 -20.18
CA ASN A 149 -1.76 8.85 -21.30
C ASN A 149 -2.44 7.53 -20.85
N SER A 150 -1.84 6.85 -19.87
CA SER A 150 -2.36 5.58 -19.33
C SER A 150 -3.61 5.78 -18.53
N TYR A 151 -3.66 6.91 -17.83
CA TYR A 151 -4.80 7.28 -16.98
C TYR A 151 -5.16 8.75 -17.24
N PRO A 152 -5.76 9.07 -18.40
CA PRO A 152 -6.16 10.43 -18.82
C PRO A 152 -6.88 11.27 -17.77
N GLY A 153 -6.20 12.33 -17.35
CA GLY A 153 -6.77 13.24 -16.37
C GLY A 153 -6.77 12.80 -14.91
N MET A 154 -6.27 11.60 -14.63
CA MET A 154 -6.25 11.08 -13.26
C MET A 154 -4.97 11.38 -12.49
N ILE A 155 -3.92 11.79 -13.18
CA ILE A 155 -2.63 12.06 -12.57
C ILE A 155 -2.45 13.49 -12.05
N THR A 156 -2.28 13.63 -10.74
CA THR A 156 -2.11 14.93 -10.13
C THR A 156 -0.63 15.13 -9.84
N ASN A 157 -0.30 16.25 -9.21
CA ASN A 157 1.10 16.55 -8.89
C ASN A 157 1.62 15.65 -7.78
N ALA A 158 0.69 15.10 -7.01
CA ALA A 158 1.02 14.22 -5.91
C ALA A 158 1.26 12.80 -6.39
N MET A 159 1.30 12.59 -7.72
CA MET A 159 1.49 11.25 -8.27
C MET A 159 2.51 11.12 -9.39
N PHE A 160 3.02 9.91 -9.55
CA PHE A 160 3.93 9.57 -10.63
C PHE A 160 3.71 8.11 -10.92
N CYS A 161 4.00 7.69 -12.15
CA CYS A 161 3.85 6.29 -12.52
C CYS A 161 5.22 5.70 -12.53
N ALA A 162 5.29 4.39 -12.34
CA ALA A 162 6.56 3.68 -12.36
C ALA A 162 6.18 2.26 -12.71
N GLY A 163 7.01 1.60 -13.50
CA GLY A 163 6.71 0.25 -13.92
C GLY A 163 7.03 0.03 -15.38
N TYR A 164 6.24 -0.81 -16.05
CA TYR A 164 6.45 -1.15 -17.45
C TYR A 164 5.15 -1.09 -18.18
N LEU A 165 5.10 -0.32 -19.26
CA LEU A 165 3.88 -0.22 -20.03
C LEU A 165 3.52 -1.56 -20.65
N GLU A 166 4.52 -2.42 -20.77
CA GLU A 166 4.32 -3.76 -21.31
C GLU A 166 3.63 -4.67 -20.27
N GLY A 167 3.63 -4.24 -19.01
CA GLY A 167 3.03 -5.01 -17.92
C GLY A 167 3.96 -6.10 -17.40
N GLY A 168 3.43 -7.03 -16.62
CA GLY A 168 4.23 -8.12 -16.10
C GLY A 168 4.92 -7.95 -14.75
N LYS A 169 5.21 -6.72 -14.37
CA LYS A 169 5.89 -6.44 -13.12
C LYS A 169 5.19 -5.23 -12.56
N ASP A 170 4.76 -5.31 -11.30
CA ASP A 170 4.03 -4.20 -10.68
C ASP A 170 3.81 -4.52 -9.23
N SER A 171 3.33 -3.53 -8.49
CA SER A 171 2.97 -3.67 -7.09
C SER A 171 1.47 -4.07 -7.18
N CYS A 172 0.92 -4.74 -6.17
CA CYS A 172 -0.47 -5.22 -6.22
C CYS A 172 -1.15 -5.13 -4.85
N GLN A 173 -2.38 -5.62 -4.70
CA GLN A 173 -3.08 -5.53 -3.40
C GLN A 173 -2.30 -6.12 -2.20
N GLY A 174 -2.11 -5.29 -1.18
CA GLY A 174 -1.35 -5.68 0.00
C GLY A 174 -0.01 -4.94 0.04
N ASP A 175 0.30 -4.22 -1.03
CA ASP A 175 1.56 -3.49 -1.16
C ASP A 175 1.41 -2.01 -0.83
N SER A 176 0.17 -1.49 -0.88
CA SER A 176 -0.10 -0.09 -0.56
C SER A 176 0.67 0.43 0.67
N GLY A 177 1.05 1.71 0.66
CA GLY A 177 1.78 2.29 1.79
C GLY A 177 3.27 1.98 1.76
N GLY A 178 3.62 0.92 1.03
CA GLY A 178 4.99 0.47 0.92
C GLY A 178 5.92 1.43 0.23
N PRO A 179 7.22 1.14 0.25
CA PRO A 179 8.25 1.98 -0.35
C PRO A 179 8.64 1.81 -1.82
N VAL A 180 9.05 2.94 -2.41
CA VAL A 180 9.61 3.01 -3.75
C VAL A 180 10.89 3.78 -3.40
N VAL A 181 12.01 3.07 -3.35
CA VAL A 181 13.27 3.69 -3.00
C VAL A 181 14.18 3.79 -4.20
N CYS A 182 14.55 5.02 -4.53
CA CYS A 182 15.42 5.30 -5.67
C CYS A 182 16.68 5.93 -5.10
N ASN A 183 17.78 5.19 -5.20
CA ASN A 183 19.08 5.60 -4.70
C ASN A 183 19.09 6.03 -3.25
N GLY A 184 18.62 5.15 -2.37
CA GLY A 184 18.63 5.42 -0.95
C GLY A 184 17.63 6.44 -0.44
N GLU A 185 16.80 6.97 -1.32
CA GLU A 185 15.80 7.94 -0.89
C GLU A 185 14.39 7.41 -1.16
N LEU A 186 13.48 7.71 -0.25
CA LEU A 186 12.11 7.30 -0.37
C LEU A 186 11.39 8.25 -1.35
N GLN A 187 11.29 7.84 -2.61
CA GLN A 187 10.64 8.66 -3.63
C GLN A 187 9.12 8.54 -3.66
N GLY A 188 8.60 7.35 -3.43
CA GLY A 188 7.16 7.21 -3.45
C GLY A 188 6.58 6.21 -2.48
N VAL A 189 5.26 6.19 -2.42
CA VAL A 189 4.48 5.31 -1.57
C VAL A 189 3.49 4.59 -2.51
N VAL A 190 3.45 3.26 -2.45
CA VAL A 190 2.53 2.46 -3.29
C VAL A 190 1.10 2.94 -3.05
N SER A 191 0.41 3.32 -4.13
CA SER A 191 -0.92 3.87 -4.02
C SER A 191 -1.99 3.11 -4.80
N TRP A 192 -1.99 3.22 -6.13
CA TRP A 192 -3.04 2.57 -6.92
C TRP A 192 -2.65 2.22 -8.35
N GLY A 193 -3.63 1.72 -9.10
CA GLY A 193 -3.43 1.37 -10.49
C GLY A 193 -4.59 0.52 -10.93
N TYR A 194 -4.78 0.33 -12.23
CA TYR A 194 -5.87 -0.53 -12.72
C TYR A 194 -5.35 -1.95 -12.84
N GLY A 195 -5.75 -2.82 -11.92
CA GLY A 195 -5.27 -4.18 -11.95
C GLY A 195 -3.84 -4.19 -11.50
N CYS A 196 -3.12 -5.25 -11.83
CA CYS A 196 -1.73 -5.36 -11.46
C CYS A 196 -1.01 -5.99 -12.62
N ALA A 197 0.10 -5.38 -13.01
CA ALA A 197 0.94 -5.86 -14.08
C ALA A 197 0.22 -6.00 -15.44
N GLU A 198 -0.81 -5.19 -15.66
CA GLU A 198 -1.50 -5.22 -16.93
C GLU A 198 -0.84 -4.27 -17.90
N PRO A 199 -0.70 -4.68 -19.17
CA PRO A 199 -0.07 -3.82 -20.17
C PRO A 199 -0.87 -2.54 -20.28
N GLY A 200 -0.16 -1.41 -20.33
CA GLY A 200 -0.80 -0.12 -20.44
C GLY A 200 -1.34 0.45 -19.15
N ASN A 201 -1.19 -0.30 -18.05
CA ASN A 201 -1.65 0.17 -16.74
C ASN A 201 -0.54 0.04 -15.71
N PRO A 202 0.42 0.99 -15.71
CA PRO A 202 1.53 0.93 -14.75
C PRO A 202 1.03 1.37 -13.38
N GLY A 203 1.81 1.09 -12.34
CA GLY A 203 1.43 1.47 -11.00
C GLY A 203 1.61 2.96 -10.77
N VAL A 204 0.72 3.54 -9.97
CA VAL A 204 0.80 4.95 -9.65
C VAL A 204 1.23 5.06 -8.17
N TYR A 205 2.17 5.94 -7.88
CA TYR A 205 2.71 6.10 -6.54
C TYR A 205 2.54 7.52 -6.06
N ALA A 206 2.38 7.72 -4.75
CA ALA A 206 2.26 9.08 -4.21
C ALA A 206 3.67 9.70 -4.34
N LYS A 207 3.76 11.00 -4.66
CA LYS A 207 5.06 11.67 -4.87
C LYS A 207 5.55 12.30 -3.58
N VAL A 208 6.41 11.58 -2.86
CA VAL A 208 6.91 12.00 -1.56
C VAL A 208 7.63 13.37 -1.51
N CYS A 209 8.49 13.65 -2.49
CA CYS A 209 9.24 14.92 -2.52
C CYS A 209 8.40 16.17 -2.55
N ILE A 210 7.14 16.09 -2.97
CA ILE A 210 6.30 17.27 -2.96
C ILE A 210 5.61 17.38 -1.57
N PHE A 211 6.03 16.52 -0.64
CA PHE A 211 5.45 16.51 0.71
C PHE A 211 6.44 16.80 1.83
N ASN A 212 7.71 16.95 1.49
CA ASN A 212 8.78 17.21 2.45
C ASN A 212 8.41 18.19 3.55
N ASP A 213 7.72 19.27 3.19
CA ASP A 213 7.34 20.27 4.18
C ASP A 213 6.32 19.76 5.20
N TRP A 214 5.29 19.07 4.73
CA TRP A 214 4.27 18.57 5.64
C TRP A 214 4.86 17.45 6.48
N LEU A 215 5.68 16.61 5.85
CA LEU A 215 6.29 15.52 6.56
C LEU A 215 7.10 16.03 7.72
N THR A 216 8.04 16.94 7.46
CA THR A 216 8.87 17.46 8.54
C THR A 216 8.11 18.29 9.59
N SER A 217 7.21 19.18 9.15
CA SER A 217 6.46 19.98 10.10
C SER A 217 5.64 19.09 11.05
N THR A 218 4.98 18.08 10.49
CA THR A 218 4.16 17.15 11.26
C THR A 218 4.95 16.31 12.27
N MET A 219 6.12 15.84 11.90
CA MET A 219 6.93 15.05 12.81
C MET A 219 7.58 15.91 13.89
N ALA A 220 7.29 17.21 13.87
CA ALA A 220 7.84 18.15 14.84
C ALA A 220 6.73 18.67 15.77
N SER A 221 5.49 18.55 15.32
CA SER A 221 4.34 19.00 16.09
C SER A 221 3.93 17.99 17.16
N TYR A 222 4.81 17.80 18.14
CA TYR A 222 4.60 16.88 19.26
C TYR A 222 4.73 15.41 18.85
N ARG B 1 -34.56 -8.00 -1.43
CA ARG B 1 -33.09 -7.87 -1.56
C ARG B 1 -32.72 -6.77 -2.55
N PRO B 2 -32.01 -5.72 -2.08
CA PRO B 2 -31.62 -4.63 -2.97
C PRO B 2 -30.84 -5.18 -4.15
N ASP B 3 -31.05 -4.61 -5.33
CA ASP B 3 -30.40 -5.08 -6.54
C ASP B 3 -28.88 -5.03 -6.51
N PHE B 4 -28.33 -4.16 -5.67
CA PHE B 4 -26.88 -4.09 -5.57
C PHE B 4 -26.29 -5.36 -4.95
N CYS B 5 -27.14 -6.25 -4.43
CA CYS B 5 -26.67 -7.51 -3.85
C CYS B 5 -26.30 -8.51 -4.93
N LEU B 6 -26.62 -8.17 -6.17
CA LEU B 6 -26.33 -9.06 -7.30
C LEU B 6 -25.08 -8.69 -8.09
N GLU B 7 -24.49 -7.55 -7.76
CA GLU B 7 -23.28 -7.09 -8.44
C GLU B 7 -22.03 -7.81 -7.92
N PRO B 8 -21.04 -8.03 -8.79
CA PRO B 8 -19.80 -8.71 -8.40
C PRO B 8 -19.06 -7.83 -7.42
N PRO B 9 -18.23 -8.44 -6.58
CA PRO B 9 -17.46 -7.66 -5.60
C PRO B 9 -16.45 -6.86 -6.41
N TYR B 10 -16.15 -5.65 -5.95
CA TYR B 10 -15.24 -4.76 -6.65
C TYR B 10 -14.04 -4.41 -5.77
N THR B 11 -12.85 -4.87 -6.17
CA THR B 11 -11.61 -4.58 -5.45
C THR B 11 -11.23 -3.10 -5.52
N GLY B 12 -11.43 -2.47 -6.68
CA GLY B 12 -11.08 -1.06 -6.80
C GLY B 12 -9.62 -0.87 -7.18
N PRO B 13 -9.19 0.38 -7.46
CA PRO B 13 -7.81 0.65 -7.84
C PRO B 13 -6.73 0.68 -6.73
N CYS B 14 -7.11 1.00 -5.51
CA CYS B 14 -6.12 1.07 -4.45
C CYS B 14 -5.50 -0.28 -4.17
N LYS B 15 -4.31 -0.28 -3.58
CA LYS B 15 -3.62 -1.53 -3.34
C LYS B 15 -3.50 -1.97 -1.88
N ALA B 16 -4.37 -1.74 -1.09
CA ALA B 16 -4.41 -2.36 0.23
C ALA B 16 -5.01 -3.78 0.15
N ARG B 17 -4.94 -4.49 1.26
CA ARG B 17 -5.55 -5.82 1.37
C ARG B 17 -6.49 -5.80 2.57
N ILE B 18 -7.69 -5.31 2.33
CA ILE B 18 -8.70 -5.19 3.37
C ILE B 18 -9.78 -6.25 3.12
N ILE B 19 -9.95 -7.20 4.04
CA ILE B 19 -10.93 -8.26 3.88
C ILE B 19 -12.35 -7.76 4.14
N ARG B 20 -13.21 -7.88 3.14
CA ARG B 20 -14.59 -7.43 3.27
C ARG B 20 -15.54 -8.55 2.85
N TYR B 21 -16.83 -8.35 3.08
CA TYR B 21 -17.84 -9.33 2.69
C TYR B 21 -18.68 -8.79 1.58
N PHE B 22 -19.21 -9.68 0.77
CA PHE B 22 -20.10 -9.32 -0.32
C PHE B 22 -21.08 -10.48 -0.46
N TYR B 23 -22.26 -10.16 -0.99
CA TYR B 23 -23.27 -11.18 -1.20
C TYR B 23 -23.07 -11.90 -2.52
N ASN B 24 -22.84 -13.20 -2.45
CA ASN B 24 -22.68 -14.01 -3.64
C ASN B 24 -24.03 -14.61 -3.93
N ALA B 25 -24.73 -14.02 -4.88
CA ALA B 25 -26.06 -14.48 -5.27
C ALA B 25 -26.08 -15.87 -5.95
N LYS B 26 -25.02 -16.22 -6.68
CA LYS B 26 -24.95 -17.51 -7.35
C LYS B 26 -24.95 -18.67 -6.34
N ALA B 27 -24.33 -18.44 -5.18
CA ALA B 27 -24.26 -19.47 -4.14
C ALA B 27 -25.23 -19.12 -3.04
N GLY B 28 -25.72 -17.89 -3.05
CA GLY B 28 -26.62 -17.42 -2.01
C GLY B 28 -25.92 -17.36 -0.66
N LEU B 29 -24.65 -16.93 -0.65
CA LEU B 29 -23.84 -16.86 0.56
C LEU B 29 -23.15 -15.53 0.63
N CYS B 30 -22.89 -15.05 1.84
CA CYS B 30 -22.12 -13.83 2.02
C CYS B 30 -20.69 -14.34 2.12
N GLN B 31 -19.78 -13.87 1.28
CA GLN B 31 -18.41 -14.33 1.33
C GLN B 31 -17.46 -13.17 1.39
N THR B 32 -16.19 -13.48 1.67
CA THR B 32 -15.12 -12.49 1.75
C THR B 32 -14.44 -12.22 0.42
N PHE B 33 -13.86 -11.04 0.29
CA PHE B 33 -13.13 -10.69 -0.91
C PHE B 33 -12.11 -9.64 -0.50
N VAL B 34 -11.10 -9.42 -1.32
CA VAL B 34 -10.10 -8.43 -1.00
C VAL B 34 -10.50 -7.09 -1.59
N TYR B 35 -10.69 -6.11 -0.72
CA TYR B 35 -11.05 -4.77 -1.16
C TYR B 35 -9.77 -3.92 -1.12
N GLY B 36 -9.51 -3.16 -2.18
CA GLY B 36 -8.30 -2.35 -2.26
C GLY B 36 -8.17 -1.11 -1.35
N GLY B 37 -9.29 -0.64 -0.81
CA GLY B 37 -9.20 0.52 0.07
C GLY B 37 -9.80 1.84 -0.38
N CYS B 38 -10.24 1.92 -1.63
CA CYS B 38 -10.86 3.15 -2.15
C CYS B 38 -11.88 2.79 -3.21
N ARG B 39 -12.85 3.68 -3.39
CA ARG B 39 -13.90 3.53 -4.40
C ARG B 39 -14.75 2.28 -4.26
N ALA B 40 -15.14 1.99 -3.03
CA ALA B 40 -15.97 0.84 -2.74
C ALA B 40 -17.34 0.98 -3.35
N LYS B 41 -17.90 -0.15 -3.79
CA LYS B 41 -19.25 -0.17 -4.33
C LYS B 41 -20.17 -0.62 -3.18
N ARG B 42 -21.45 -0.80 -3.48
CA ARG B 42 -22.37 -1.16 -2.43
C ARG B 42 -22.35 -2.56 -1.91
N ASN B 43 -22.05 -3.54 -2.76
CA ASN B 43 -21.99 -4.91 -2.29
C ASN B 43 -20.60 -5.10 -1.66
N ASN B 44 -20.39 -4.42 -0.53
CA ASN B 44 -19.13 -4.38 0.20
C ASN B 44 -19.53 -4.08 1.65
N PHE B 45 -19.44 -5.07 2.54
CA PHE B 45 -19.82 -4.93 3.95
C PHE B 45 -18.67 -5.22 4.90
N LYS B 46 -18.72 -4.60 6.07
CA LYS B 46 -17.67 -4.76 7.08
C LYS B 46 -17.77 -6.03 7.88
N SER B 47 -18.92 -6.68 7.83
CA SER B 47 -19.09 -7.92 8.55
C SER B 47 -20.11 -8.77 7.86
N ALA B 48 -20.10 -10.06 8.20
CA ALA B 48 -21.02 -11.03 7.64
C ALA B 48 -22.43 -10.67 8.08
N GLU B 49 -22.58 -10.20 9.32
CA GLU B 49 -23.90 -9.83 9.79
C GLU B 49 -24.54 -8.73 8.96
N ASP B 50 -23.79 -7.68 8.66
CA ASP B 50 -24.28 -6.54 7.84
C ASP B 50 -24.72 -7.09 6.50
N CYS B 51 -23.84 -7.87 5.92
CA CYS B 51 -24.09 -8.47 4.64
C CYS B 51 -25.38 -9.28 4.65
N MET B 52 -25.55 -10.07 5.70
CA MET B 52 -26.73 -10.92 5.88
C MET B 52 -27.99 -10.12 6.12
N ARG B 53 -27.93 -9.15 7.01
CA ARG B 53 -29.10 -8.33 7.29
C ARG B 53 -29.51 -7.55 6.04
N THR B 54 -28.55 -7.19 5.20
CA THR B 54 -28.85 -6.42 4.00
C THR B 54 -29.22 -7.18 2.74
N CYS B 55 -28.40 -8.17 2.40
CA CYS B 55 -28.62 -8.95 1.20
C CYS B 55 -29.14 -10.34 1.44
N GLY B 56 -29.07 -10.80 2.69
CA GLY B 56 -29.53 -12.12 3.05
C GLY B 56 -30.79 -12.67 2.41
N GLY B 57 -31.72 -11.81 2.04
CA GLY B 57 -32.95 -12.30 1.42
C GLY B 57 -34.00 -11.29 1.04
N ALA B 58 -35.24 -11.76 1.01
CA ALA B 58 -36.40 -10.95 0.67
C ALA B 58 -37.66 -11.72 1.02
CA CA C . 8.75 -12.87 10.75
#